data_4CDL
#
_entry.id   4CDL
#
_cell.length_a   51.580
_cell.length_b   51.580
_cell.length_c   198.640
_cell.angle_alpha   90.00
_cell.angle_beta   90.00
_cell.angle_gamma   120.00
#
_symmetry.space_group_name_H-M   'P 61 2 2'
#
loop_
_entity.id
_entity.type
_entity.pdbx_description
1 polymer 'STEROID DELTA-ISOMERASE'
2 non-polymer (2E)-1-(6-methoxynaphthalen-2-yl)but-2-en-1-one
3 water water
#
_entity_poly.entity_id   1
_entity_poly.type   'polypeptide(L)'
_entity_poly.pdbx_seq_one_letter_code
;MNLPTAQEVQGLMARFIELVDVGDIEAIVQMYADDATIESPFGQPPIHGREQIAAHYRKWLGGGKLRVYLTGPVRANHNG
CGTMLLRKEWVWNGQPCATDVILVMRFDEQGRIQTEQRYWSEVNLCVREPQGSLEHHHHHH
;
_entity_poly.pdbx_strand_id   A
#
# COMPACT_ATOMS: atom_id res chain seq x y z
N ASN A 2 19.93 13.49 -0.53
CA ASN A 2 19.60 13.34 -1.94
C ASN A 2 18.26 12.64 -2.14
N LEU A 3 17.79 11.96 -1.09
CA LEU A 3 16.50 11.29 -1.12
C LEU A 3 15.40 12.21 -0.63
N PRO A 4 14.13 11.81 -0.84
CA PRO A 4 13.00 12.61 -0.37
C PRO A 4 13.00 12.80 1.14
N THR A 5 12.74 14.02 1.59
CA THR A 5 12.67 14.31 3.02
C THR A 5 11.45 13.65 3.63
N ALA A 6 11.38 13.65 4.96
CA ALA A 6 10.26 13.03 5.67
C ALA A 6 8.94 13.65 5.23
N GLN A 7 8.92 14.96 5.07
CA GLN A 7 7.72 15.69 4.69
C GLN A 7 7.22 15.20 3.32
N GLU A 8 8.14 15.08 2.39
CA GLU A 8 7.81 14.60 1.05
C GLU A 8 7.23 13.19 1.12
N VAL A 9 7.86 12.33 1.93
CA VAL A 9 7.38 10.96 2.10
C VAL A 9 5.97 10.97 2.66
N GLN A 10 5.75 11.75 3.71
CA GLN A 10 4.42 11.88 4.31
C GLN A 10 3.40 12.30 3.27
N GLY A 11 3.69 13.38 2.54
CA GLY A 11 2.81 13.86 1.50
C GLY A 11 2.52 12.80 0.45
N LEU A 12 3.57 12.12 -0.01
CA LEU A 12 3.45 11.08 -1.02
C LEU A 12 2.54 9.95 -0.55
N MET A 13 2.79 9.45 0.65
CA MET A 13 1.99 8.35 1.19
C MET A 13 0.54 8.77 1.45
N ALA A 14 0.36 10.01 1.92
CA ALA A 14 -0.97 10.59 2.05
C ALA A 14 -1.68 10.56 0.71
N ARG A 15 -0.99 11.07 -0.32
CA ARG A 15 -1.55 11.08 -1.66
C ARG A 15 -1.85 9.66 -2.13
N PHE A 16 -0.97 8.72 -1.81
CA PHE A 16 -1.19 7.32 -2.14
C PHE A 16 -2.50 6.83 -1.54
N ILE A 17 -2.69 7.04 -0.24
CA ILE A 17 -3.95 6.68 0.40
C ILE A 17 -5.13 7.36 -0.30
N GLU A 18 -4.99 8.65 -0.58
CA GLU A 18 -6.03 9.38 -1.29
C GLU A 18 -6.34 8.76 -2.64
N LEU A 19 -5.32 8.30 -3.35
CA LEU A 19 -5.53 7.67 -4.65
C LEU A 19 -6.19 6.31 -4.51
N VAL A 20 -5.78 5.55 -3.50
CA VAL A 20 -6.40 4.25 -3.24
C VAL A 20 -7.89 4.42 -2.88
N ASP A 21 -8.18 5.43 -2.07
CA ASP A 21 -9.56 5.68 -1.64
C ASP A 21 -10.54 5.86 -2.81
N VAL A 22 -10.08 6.52 -3.87
CA VAL A 22 -10.93 6.79 -5.03
C VAL A 22 -10.76 5.73 -6.13
N GLY A 23 -9.81 4.83 -5.95
CA GLY A 23 -9.59 3.75 -6.90
C GLY A 23 -8.94 4.21 -8.20
N ASP A 24 -8.10 5.24 -8.11
CA ASP A 24 -7.39 5.74 -9.29
C ASP A 24 -6.16 4.87 -9.55
N ILE A 25 -6.39 3.73 -10.17
CA ILE A 25 -5.35 2.72 -10.37
C ILE A 25 -4.20 3.23 -11.25
N GLU A 26 -4.54 3.89 -12.35
CA GLU A 26 -3.56 4.44 -13.26
C GLU A 26 -2.61 5.37 -12.51
N ALA A 27 -3.18 6.22 -11.66
CA ALA A 27 -2.39 7.16 -10.89
C ALA A 27 -1.54 6.43 -9.84
N ILE A 28 -2.10 5.38 -9.25
CA ILE A 28 -1.38 4.59 -8.25
C ILE A 28 -0.15 3.94 -8.86
N VAL A 29 -0.34 3.25 -9.98
CA VAL A 29 0.77 2.55 -10.64
C VAL A 29 1.92 3.50 -10.96
N GLN A 30 1.59 4.76 -11.24
CA GLN A 30 2.60 5.75 -11.61
C GLN A 30 3.52 6.10 -10.43
N MET A 31 3.01 5.94 -9.21
CA MET A 31 3.78 6.28 -8.02
C MET A 31 4.91 5.28 -7.76
N TYR A 32 4.83 4.11 -8.37
CA TYR A 32 5.85 3.09 -8.22
C TYR A 32 6.94 3.26 -9.26
N ALA A 33 8.16 2.86 -8.91
CA ALA A 33 9.25 2.87 -9.86
C ALA A 33 9.03 1.77 -10.89
N ASP A 34 9.74 1.83 -12.00
CA ASP A 34 9.58 0.85 -13.07
C ASP A 34 9.97 -0.54 -12.59
N ASP A 35 10.95 -0.59 -11.68
CA ASP A 35 11.42 -1.85 -11.11
C ASP A 35 11.08 -1.93 -9.62
N ALA A 36 9.90 -1.44 -9.26
CA ALA A 36 9.45 -1.46 -7.88
C ALA A 36 9.12 -2.88 -7.44
N THR A 37 9.15 -3.12 -6.13
CA THR A 37 8.86 -4.44 -5.59
C THR A 37 7.95 -4.35 -4.37
N ILE A 38 6.83 -5.09 -4.44
CA ILE A 38 5.92 -5.23 -3.32
C ILE A 38 6.03 -6.63 -2.74
N GLU A 39 6.78 -6.76 -1.65
CA GLU A 39 7.01 -8.06 -1.04
C GLU A 39 5.72 -8.63 -0.47
N SER A 40 5.56 -9.94 -0.59
CA SER A 40 4.35 -10.61 -0.13
C SER A 40 4.40 -10.86 1.37
N PRO A 41 3.30 -10.54 2.08
CA PRO A 41 3.24 -10.88 3.50
C PRO A 41 2.79 -12.31 3.74
N PHE A 42 2.59 -13.08 2.67
CA PHE A 42 2.13 -14.46 2.78
C PHE A 42 3.21 -15.46 2.36
N GLY A 43 4.44 -14.99 2.24
CA GLY A 43 5.55 -15.87 1.89
C GLY A 43 5.57 -16.25 0.43
N GLN A 44 4.82 -15.54 -0.39
CA GLN A 44 4.83 -15.74 -1.83
C GLN A 44 6.01 -14.99 -2.43
N PRO A 45 6.36 -15.31 -3.69
CA PRO A 45 7.35 -14.48 -4.38
C PRO A 45 6.84 -13.04 -4.52
N PRO A 46 7.75 -12.05 -4.53
CA PRO A 46 7.32 -10.65 -4.54
C PRO A 46 6.77 -10.20 -5.88
N ILE A 47 5.81 -9.27 -5.85
CA ILE A 47 5.37 -8.58 -7.05
C ILE A 47 6.50 -7.70 -7.53
N HIS A 48 6.74 -7.68 -8.84
CA HIS A 48 7.83 -6.90 -9.41
C HIS A 48 7.44 -6.32 -10.76
N GLY A 49 7.71 -5.02 -10.94
CA GLY A 49 7.42 -4.34 -12.19
C GLY A 49 6.06 -3.68 -12.18
N ARG A 50 5.91 -2.62 -12.97
CA ARG A 50 4.66 -1.86 -13.02
C ARG A 50 3.51 -2.68 -13.59
N GLU A 51 3.82 -3.63 -14.45
CA GLU A 51 2.81 -4.50 -15.05
C GLU A 51 2.11 -5.33 -13.97
N GLN A 52 2.90 -6.08 -13.21
CA GLN A 52 2.37 -6.92 -12.15
C GLN A 52 1.66 -6.07 -11.10
N ILE A 53 2.23 -4.92 -10.77
CA ILE A 53 1.62 -4.01 -9.80
C ILE A 53 0.26 -3.55 -10.31
N ALA A 54 0.21 -3.15 -11.58
CA ALA A 54 -1.03 -2.72 -12.20
C ALA A 54 -2.06 -3.83 -12.15
N ALA A 55 -1.64 -5.04 -12.53
CA ALA A 55 -2.54 -6.20 -12.48
C ALA A 55 -3.02 -6.46 -11.05
N HIS A 56 -2.12 -6.35 -10.09
CA HIS A 56 -2.46 -6.58 -8.68
C HIS A 56 -3.52 -5.58 -8.20
N TYR A 57 -3.22 -4.29 -8.37
CA TYR A 57 -4.16 -3.26 -7.94
C TYR A 57 -5.46 -3.33 -8.73
N ARG A 58 -5.36 -3.70 -10.01
CA ARG A 58 -6.56 -3.88 -10.83
C ARG A 58 -7.42 -4.98 -10.23
N LYS A 59 -6.80 -6.11 -9.92
CA LYS A 59 -7.49 -7.23 -9.33
C LYS A 59 -8.13 -6.86 -7.99
N TRP A 60 -7.34 -6.26 -7.10
CA TRP A 60 -7.82 -6.01 -5.73
C TRP A 60 -8.69 -4.76 -5.56
N LEU A 61 -8.53 -3.78 -6.44
CA LEU A 61 -9.31 -2.55 -6.34
C LEU A 61 -10.39 -2.45 -7.43
N GLY A 62 -10.26 -3.25 -8.48
CA GLY A 62 -11.21 -3.24 -9.57
C GLY A 62 -12.64 -3.47 -9.11
N GLY A 63 -12.80 -4.31 -8.09
CA GLY A 63 -14.11 -4.65 -7.59
C GLY A 63 -14.83 -3.48 -6.95
N GLY A 64 -14.10 -2.67 -6.22
CA GLY A 64 -14.68 -1.53 -5.52
C GLY A 64 -15.28 -1.91 -4.18
N LYS A 65 -15.36 -3.22 -3.93
CA LYS A 65 -15.93 -3.73 -2.68
C LYS A 65 -14.86 -3.86 -1.60
N LEU A 66 -13.75 -3.15 -1.77
CA LEU A 66 -12.66 -3.14 -0.80
C LEU A 66 -12.54 -1.79 -0.14
N ARG A 67 -12.76 -1.77 1.18
CA ARG A 67 -12.65 -0.55 1.96
C ARG A 67 -11.28 -0.47 2.64
N VAL A 68 -10.69 0.72 2.60
CA VAL A 68 -9.40 0.96 3.22
C VAL A 68 -9.43 2.27 4.01
N TYR A 69 -9.21 2.19 5.31
CA TYR A 69 -9.24 3.37 6.18
C TYR A 69 -7.88 3.64 6.81
N LEU A 70 -7.40 4.88 6.67
CA LEU A 70 -6.20 5.30 7.35
C LEU A 70 -6.52 5.49 8.84
N THR A 71 -5.91 4.66 9.68
CA THR A 71 -6.20 4.66 11.11
C THR A 71 -5.16 5.45 11.89
N GLY A 72 -3.89 5.21 11.61
CA GLY A 72 -2.79 5.87 12.29
C GLY A 72 -2.22 7.00 11.47
N PRO A 73 -1.32 7.80 12.09
CA PRO A 73 -0.67 8.91 11.42
C PRO A 73 0.46 8.45 10.50
N VAL A 74 0.78 9.23 9.48
CA VAL A 74 1.86 8.90 8.56
C VAL A 74 3.19 9.36 9.11
N ARG A 75 4.05 8.40 9.45
CA ARG A 75 5.37 8.69 9.98
C ARG A 75 6.44 8.42 8.91
N ALA A 76 7.59 9.05 9.07
CA ALA A 76 8.68 8.89 8.11
C ALA A 76 9.99 9.42 8.66
N ASN A 77 11.09 8.75 8.31
CA ASN A 77 12.42 9.21 8.65
C ASN A 77 12.99 10.06 7.51
N HIS A 78 14.30 10.26 7.51
CA HIS A 78 14.97 11.00 6.44
C HIS A 78 15.85 10.10 5.58
N ASN A 79 15.64 8.80 5.69
CA ASN A 79 16.31 7.83 4.83
C ASN A 79 15.42 7.44 3.65
N GLY A 80 14.39 8.25 3.40
CA GLY A 80 13.48 8.01 2.30
C GLY A 80 12.53 6.85 2.56
N CYS A 81 12.26 6.59 3.83
CA CYS A 81 11.37 5.49 4.24
C CYS A 81 10.22 6.01 5.09
N GLY A 82 9.02 5.51 4.81
CA GLY A 82 7.83 5.91 5.53
C GLY A 82 6.98 4.72 5.95
N THR A 83 6.12 4.94 6.94
CA THR A 83 5.26 3.87 7.46
C THR A 83 3.88 4.42 7.78
N MET A 84 2.86 3.58 7.63
CA MET A 84 1.51 3.96 8.05
C MET A 84 0.61 2.77 8.38
N LEU A 85 -0.39 3.02 9.22
CA LEU A 85 -1.31 1.99 9.68
C LEU A 85 -2.67 2.16 9.03
N LEU A 86 -3.15 1.08 8.42
CA LEU A 86 -4.44 1.08 7.73
C LEU A 86 -5.33 -0.04 8.24
N ARG A 87 -6.63 0.09 8.00
CA ARG A 87 -7.55 -1.01 8.19
C ARG A 87 -8.21 -1.33 6.85
N LYS A 88 -8.04 -2.58 6.43
CA LYS A 88 -8.67 -3.09 5.22
C LYS A 88 -9.88 -3.92 5.59
N GLU A 89 -10.98 -3.70 4.87
CA GLU A 89 -12.21 -4.44 5.09
C GLU A 89 -12.85 -4.83 3.77
N TRP A 90 -13.17 -6.11 3.63
CA TRP A 90 -13.79 -6.62 2.41
C TRP A 90 -14.48 -7.95 2.71
N VAL A 91 -14.75 -8.72 1.66
CA VAL A 91 -15.37 -10.03 1.80
C VAL A 91 -14.91 -10.96 0.69
N TRP A 92 -14.19 -12.01 1.06
CA TRP A 92 -13.72 -13.01 0.11
C TRP A 92 -14.67 -14.19 0.10
N ASN A 93 -15.08 -14.61 -1.10
CA ASN A 93 -16.09 -15.64 -1.28
C ASN A 93 -17.44 -15.20 -0.67
N GLY A 94 -17.73 -15.65 0.56
CA GLY A 94 -18.96 -15.27 1.24
C GLY A 94 -18.73 -15.12 2.73
N GLN A 95 -17.54 -14.63 3.09
CA GLN A 95 -17.16 -14.45 4.49
C GLN A 95 -16.56 -13.06 4.70
N PRO A 96 -17.21 -12.24 5.55
CA PRO A 96 -16.64 -10.90 5.83
C PRO A 96 -15.22 -10.98 6.39
N CYS A 97 -14.37 -10.06 5.96
CA CYS A 97 -12.96 -10.04 6.36
C CYS A 97 -12.50 -8.63 6.67
N ALA A 98 -11.71 -8.51 7.74
CA ALA A 98 -11.14 -7.24 8.14
C ALA A 98 -9.74 -7.48 8.69
N THR A 99 -8.80 -6.61 8.35
CA THR A 99 -7.44 -6.75 8.86
C THR A 99 -6.75 -5.39 8.98
N ASP A 100 -5.96 -5.24 10.03
CA ASP A 100 -5.12 -4.06 10.19
C ASP A 100 -3.81 -4.32 9.47
N VAL A 101 -3.28 -3.30 8.81
CA VAL A 101 -2.09 -3.46 7.99
C VAL A 101 -1.11 -2.30 8.18
N ILE A 102 0.12 -2.64 8.52
CA ILE A 102 1.19 -1.65 8.56
C ILE A 102 1.90 -1.67 7.21
N LEU A 103 1.84 -0.54 6.50
CA LEU A 103 2.52 -0.38 5.23
C LEU A 103 3.82 0.36 5.45
N VAL A 104 4.90 -0.20 4.90
CA VAL A 104 6.22 0.42 4.93
C VAL A 104 6.68 0.65 3.50
N MET A 105 6.96 1.90 3.16
CA MET A 105 7.35 2.26 1.80
C MET A 105 8.72 2.92 1.76
N ARG A 106 9.52 2.50 0.79
CA ARG A 106 10.87 3.04 0.60
C ARG A 106 10.95 3.74 -0.75
N PHE A 107 11.24 5.04 -0.71
CA PHE A 107 11.21 5.87 -1.91
C PHE A 107 12.60 6.08 -2.52
N ASP A 108 12.64 6.25 -3.84
CA ASP A 108 13.90 6.49 -4.54
C ASP A 108 14.17 7.98 -4.70
N GLU A 109 15.27 8.32 -5.34
CA GLU A 109 15.68 9.71 -5.50
C GLU A 109 14.74 10.50 -6.43
N GLN A 110 13.90 9.80 -7.17
CA GLN A 110 12.91 10.43 -8.02
C GLN A 110 11.55 10.56 -7.31
N GLY A 111 11.50 10.13 -6.06
CA GLY A 111 10.29 10.25 -5.26
C GLY A 111 9.26 9.16 -5.53
N ARG A 112 9.70 8.07 -6.18
CA ARG A 112 8.83 6.94 -6.47
C ARG A 112 9.10 5.76 -5.54
N ILE A 113 8.08 4.93 -5.35
CA ILE A 113 8.19 3.78 -4.46
C ILE A 113 9.10 2.71 -5.06
N GLN A 114 10.16 2.38 -4.35
CA GLN A 114 11.12 1.38 -4.80
C GLN A 114 10.82 0.02 -4.20
N THR A 115 10.64 -0.01 -2.88
CA THR A 115 10.31 -1.24 -2.16
C THR A 115 9.17 -0.97 -1.19
N GLU A 116 8.21 -1.89 -1.15
CA GLU A 116 7.06 -1.78 -0.26
C GLU A 116 6.83 -3.08 0.48
N GLN A 117 6.61 -2.96 1.79
CA GLN A 117 6.33 -4.12 2.63
C GLN A 117 5.02 -3.89 3.40
N ARG A 118 4.35 -4.98 3.73
CA ARG A 118 3.08 -4.92 4.43
C ARG A 118 3.05 -5.93 5.55
N TYR A 119 2.57 -5.51 6.72
CA TYR A 119 2.45 -6.39 7.89
C TYR A 119 1.01 -6.45 8.35
N TRP A 120 0.42 -7.63 8.34
N TRP A 120 0.43 -7.64 8.35
CA TRP A 120 -1.01 -7.79 8.63
CA TRP A 120 -0.98 -7.84 8.64
C TRP A 120 -1.31 -8.24 10.05
C TRP A 120 -1.27 -8.20 10.10
N SER A 121 -2.47 -7.82 10.54
CA SER A 121 -2.98 -8.25 11.84
C SER A 121 -4.49 -8.42 11.68
N GLU A 122 -4.94 -9.66 11.54
CA GLU A 122 -6.35 -9.94 11.30
C GLU A 122 -7.21 -9.52 12.48
N VAL A 123 -8.33 -8.88 12.19
CA VAL A 123 -9.26 -8.43 13.22
C VAL A 123 -10.23 -9.55 13.58
N ASN A 124 -10.52 -9.67 14.87
CA ASN A 124 -11.48 -10.67 15.36
C ASN A 124 -12.90 -10.22 15.07
N LEU A 125 -13.68 -11.10 14.43
CA LEU A 125 -15.03 -10.76 13.97
C LEU A 125 -16.08 -11.76 14.44
N CYS A 126 -15.74 -13.05 14.41
CA CYS A 126 -16.71 -14.11 14.68
C CYS A 126 -17.07 -14.21 16.15
N VAL A 127 -16.06 -14.20 17.02
CA VAL A 127 -16.27 -14.35 18.45
C VAL A 127 -15.37 -13.40 19.24
#